data_6RGI
#
_entry.id   6RGI
#
_cell.length_a   74.762
_cell.length_b   74.762
_cell.length_c   60.033
_cell.angle_alpha   90.000
_cell.angle_beta   90.000
_cell.angle_gamma   120.000
#
_symmetry.space_group_name_H-M   'P 32 2 1'
#
loop_
_entity.id
_entity.type
_entity.pdbx_description
1 polymer 'Cytochrome c iso-1'
2 non-polymer 'HEME C'
3 non-polymer p-sulfonatocalix[6]arene
4 non-polymer IMIDAZOLE
5 water water
#
_entity_poly.entity_id   1
_entity_poly.type   'polypeptide(L)'
_entity_poly.pdbx_seq_one_letter_code
;AEFKAGSAKKGATLFKTRCLQCHTVEKGGPHKVGPNLHGIFGRHSGQAEGYSYTDANIKKNVLWDENNMSEYLTNPKKYI
PGTKMAFGGLKKEKDRNDLITYLKKATE
;
_entity_poly.pdbx_strand_id   A
#
# COMPACT_ATOMS: atom_id res chain seq x y z
N GLU A 2 -7.41 11.54 -9.94
CA GLU A 2 -8.63 10.73 -9.78
C GLU A 2 -8.83 10.10 -8.37
N PHE A 3 -7.84 10.25 -7.43
CA PHE A 3 -8.00 9.73 -6.07
C PHE A 3 -8.99 10.63 -5.29
N LYS A 4 -9.95 10.02 -4.58
CA LYS A 4 -10.91 10.73 -3.74
C LYS A 4 -10.88 10.12 -2.34
N ALA A 5 -10.72 10.94 -1.29
CA ALA A 5 -10.70 10.50 0.11
C ALA A 5 -11.81 9.48 0.35
N GLY A 6 -11.42 8.28 0.80
CA GLY A 6 -12.31 7.16 1.02
C GLY A 6 -12.42 6.72 2.47
N SER A 7 -12.58 5.39 2.68
CA SER A 7 -12.75 4.80 4.00
C SER A 7 -11.44 4.27 4.55
N ALA A 8 -10.95 4.85 5.69
CA ALA A 8 -9.73 4.39 6.36
C ALA A 8 -9.97 3.03 7.01
N LYS A 9 -11.19 2.80 7.49
CA LYS A 9 -11.61 1.55 8.12
C LYS A 9 -11.45 0.39 7.16
N LYS A 10 -12.07 0.54 5.97
CA LYS A 10 -12.00 -0.49 4.93
C LYS A 10 -10.59 -0.60 4.41
N GLY A 11 -9.84 0.51 4.36
CA GLY A 11 -8.44 0.53 3.98
C GLY A 11 -7.58 -0.27 4.95
N ALA A 12 -7.79 -0.09 6.26
CA ALA A 12 -7.03 -0.83 7.29
C ALA A 12 -7.23 -2.36 7.12
N THR A 13 -8.48 -2.80 6.83
CA THR A 13 -8.80 -4.20 6.60
C THR A 13 -8.05 -4.67 5.36
N LEU A 14 -8.12 -3.90 4.26
CA LEU A 14 -7.38 -4.21 3.01
C LEU A 14 -5.88 -4.30 3.22
N PHE A 15 -5.33 -3.52 4.18
CA PHE A 15 -3.90 -3.56 4.47
C PHE A 15 -3.55 -4.88 5.14
N LYS A 16 -4.27 -5.28 6.22
CA LYS A 16 -3.92 -6.55 6.87
C LYS A 16 -4.08 -7.75 5.93
N THR A 17 -5.06 -7.72 5.03
CA THR A 17 -5.28 -8.81 4.07
C THR A 17 -4.26 -8.83 2.93
N ARG A 18 -3.97 -7.68 2.29
CA ARG A 18 -3.12 -7.65 1.08
C ARG A 18 -1.71 -7.02 1.18
N CYS A 19 -1.36 -6.29 2.27
CA CYS A 19 -0.05 -5.62 2.40
C CYS A 19 0.81 -6.06 3.59
N LEU A 20 0.19 -6.28 4.76
CA LEU A 20 0.88 -6.60 6.02
C LEU A 20 1.84 -7.74 5.91
N GLN A 21 1.49 -8.72 5.06
CA GLN A 21 2.27 -9.90 4.73
C GLN A 21 3.74 -9.52 4.41
N CYS A 22 3.95 -8.42 3.65
CA CYS A 22 5.28 -7.93 3.25
C CYS A 22 5.64 -6.59 3.86
N HIS A 23 4.69 -5.78 4.34
CA HIS A 23 4.99 -4.42 4.82
C HIS A 23 4.56 -4.12 6.24
N THR A 24 5.20 -3.09 6.84
CA THR A 24 4.87 -2.57 8.17
C THR A 24 4.68 -1.03 8.05
N VAL A 25 3.71 -0.45 8.82
CA VAL A 25 3.40 1.00 8.77
C VAL A 25 3.99 1.83 9.91
N GLU A 26 4.09 1.25 11.12
CA GLU A 26 4.59 1.96 12.32
C GLU A 26 5.98 2.62 12.15
N LYS A 27 6.20 3.67 12.97
CA LYS A 27 7.46 4.45 13.00
C LYS A 27 8.58 3.57 13.53
N GLY A 28 9.60 3.36 12.71
CA GLY A 28 10.72 2.50 13.04
C GLY A 28 10.31 1.04 12.99
N GLY A 29 9.49 0.70 11.99
CA GLY A 29 9.02 -0.66 11.79
C GLY A 29 10.08 -1.54 11.16
N PRO A 30 10.03 -2.86 11.40
CA PRO A 30 11.05 -3.75 10.83
C PRO A 30 10.90 -3.99 9.34
N HIS A 31 12.01 -3.98 8.59
CA HIS A 31 11.98 -4.24 7.14
C HIS A 31 11.58 -5.74 6.98
N LYS A 32 10.43 -6.01 6.36
CA LYS A 32 9.89 -7.36 6.14
C LYS A 32 10.33 -7.80 4.70
N VAL A 33 9.51 -8.54 3.95
CA VAL A 33 9.78 -8.91 2.55
C VAL A 33 9.94 -7.64 1.69
N GLY A 34 9.13 -6.62 2.00
CA GLY A 34 9.19 -5.30 1.40
C GLY A 34 9.56 -4.24 2.43
N PRO A 35 9.84 -2.98 2.02
CA PRO A 35 10.27 -1.97 3.00
C PRO A 35 9.21 -1.56 4.03
N ASN A 36 9.64 -0.76 4.99
CA ASN A 36 8.76 -0.16 5.99
C ASN A 36 8.17 1.02 5.27
N LEU A 37 6.82 1.14 5.23
CA LEU A 37 6.15 2.23 4.51
C LEU A 37 5.92 3.52 5.34
N HIS A 38 6.58 3.69 6.51
CA HIS A 38 6.43 4.91 7.29
C HIS A 38 7.03 6.11 6.52
N GLY A 39 6.32 7.23 6.51
CA GLY A 39 6.72 8.44 5.79
C GLY A 39 6.83 8.28 4.28
N ILE A 40 6.17 7.25 3.69
CA ILE A 40 6.22 6.96 2.25
C ILE A 40 5.76 8.17 1.41
N PHE A 41 4.72 8.90 1.82
CA PHE A 41 4.24 10.07 1.09
C PHE A 41 5.19 11.26 1.35
N GLY A 42 6.09 11.49 0.39
CA GLY A 42 7.15 12.50 0.45
C GLY A 42 8.45 11.89 -0.03
N ARG A 43 8.70 10.63 0.38
CA ARG A 43 9.85 9.82 -0.01
C ARG A 43 9.73 9.43 -1.51
N HIS A 44 10.82 8.93 -2.12
CA HIS A 44 10.83 8.46 -3.51
C HIS A 44 11.40 7.00 -3.59
N SER A 45 12.05 6.58 -4.70
CA SER A 45 12.61 5.22 -4.80
C SER A 45 13.98 5.15 -4.09
N ASN A 61 13.38 7.36 -9.35
CA ASN A 61 12.83 8.60 -8.83
C ASN A 61 11.31 8.63 -9.06
N VAL A 62 10.53 8.43 -7.98
CA VAL A 62 9.07 8.46 -7.97
C VAL A 62 8.56 9.23 -6.72
N LEU A 63 8.27 10.55 -6.86
CA LEU A 63 7.75 11.38 -5.74
C LEU A 63 6.35 10.88 -5.32
N TRP A 64 6.26 10.04 -4.25
CA TRP A 64 5.00 9.43 -3.84
C TRP A 64 3.92 10.43 -3.44
N ASP A 65 2.73 10.26 -4.05
CA ASP A 65 1.51 11.01 -3.76
C ASP A 65 0.34 10.01 -3.87
N GLU A 66 -0.89 10.43 -3.60
CA GLU A 66 -2.03 9.52 -3.63
C GLU A 66 -2.35 8.98 -5.03
N ASN A 67 -2.31 9.83 -6.05
CA ASN A 67 -2.64 9.41 -7.41
C ASN A 67 -1.62 8.48 -8.07
N ASN A 68 -0.31 8.74 -7.90
CA ASN A 68 0.72 7.89 -8.51
C ASN A 68 0.83 6.53 -7.82
N MET A 69 0.47 6.45 -6.51
CA MET A 69 0.46 5.18 -5.79
C MET A 69 -0.80 4.39 -6.20
N SER A 70 -1.94 5.06 -6.41
CA SER A 70 -3.17 4.41 -6.87
C SER A 70 -2.85 3.69 -8.20
N GLU A 71 -2.11 4.35 -9.12
CA GLU A 71 -1.66 3.74 -10.39
C GLU A 71 -0.71 2.54 -10.11
N TYR A 72 0.27 2.75 -9.22
CA TYR A 72 1.27 1.74 -8.85
C TYR A 72 0.65 0.46 -8.29
N LEU A 73 -0.28 0.60 -7.33
CA LEU A 73 -0.92 -0.54 -6.68
C LEU A 73 -2.03 -1.21 -7.50
N THR A 74 -2.36 -0.71 -8.70
CA THR A 74 -3.40 -1.32 -9.52
C THR A 74 -3.01 -2.69 -10.04
N ASN A 75 -1.73 -2.88 -10.39
CA ASN A 75 -1.25 -4.12 -11.00
C ASN A 75 -0.69 -5.15 -10.00
N PRO A 76 -1.02 -6.46 -10.10
CA PRO A 76 -0.41 -7.45 -9.21
C PRO A 76 1.04 -7.77 -9.60
N LYS A 77 1.89 -8.17 -8.64
CA LYS A 77 3.28 -8.57 -8.90
C LYS A 77 3.55 -9.92 -8.25
N LYS A 78 3.72 -10.97 -9.07
CA LYS A 78 4.02 -12.32 -8.59
C LYS A 78 5.53 -12.43 -8.44
N TYR A 79 6.06 -12.49 -7.20
CA TYR A 79 7.50 -12.59 -7.00
C TYR A 79 7.93 -14.04 -7.13
N ILE A 80 7.27 -14.95 -6.39
CA ILE A 80 7.52 -16.40 -6.45
C ILE A 80 6.20 -17.06 -6.82
N PRO A 81 5.93 -17.31 -8.11
CA PRO A 81 4.67 -17.97 -8.45
C PRO A 81 4.62 -19.34 -7.79
N GLY A 82 3.55 -19.57 -7.03
CA GLY A 82 3.35 -20.82 -6.30
C GLY A 82 3.33 -20.64 -4.80
N THR A 83 3.95 -19.56 -4.29
CA THR A 83 3.97 -19.28 -2.85
C THR A 83 3.22 -17.98 -2.54
N LYS A 84 2.99 -17.67 -1.25
CA LYS A 84 2.31 -16.43 -0.87
C LYS A 84 3.20 -15.19 -1.04
N MET A 85 4.34 -15.27 -1.75
CA MET A 85 5.20 -14.12 -1.99
C MET A 85 4.77 -13.49 -3.30
N ALA A 86 3.65 -12.80 -3.25
CA ALA A 86 3.05 -12.14 -4.41
C ALA A 86 2.03 -11.15 -3.94
N PHE A 87 1.97 -9.98 -4.59
CA PHE A 87 1.00 -8.92 -4.30
C PHE A 87 -0.18 -9.14 -5.24
N GLY A 88 -1.39 -9.02 -4.72
CA GLY A 88 -2.60 -9.34 -5.48
C GLY A 88 -3.27 -8.24 -6.28
N GLY A 89 -2.72 -7.05 -6.24
CA GLY A 89 -3.29 -5.91 -6.93
C GLY A 89 -4.54 -5.37 -6.27
N LEU A 90 -4.87 -4.13 -6.60
CA LEU A 90 -6.08 -3.46 -6.14
C LEU A 90 -6.79 -2.98 -7.43
N LYS A 91 -7.50 -3.90 -8.11
CA LYS A 91 -8.17 -3.56 -9.37
C LYS A 91 -9.43 -2.72 -9.17
N LYS A 92 -10.08 -2.76 -7.98
CA LYS A 92 -11.28 -1.93 -7.76
C LYS A 92 -10.85 -0.52 -7.37
N GLU A 93 -11.52 0.50 -7.93
CA GLU A 93 -11.16 1.88 -7.64
C GLU A 93 -11.42 2.19 -6.17
N LYS A 94 -12.59 1.76 -5.63
CA LYS A 94 -12.94 2.00 -4.23
C LYS A 94 -11.84 1.48 -3.30
N ASP A 95 -11.35 0.25 -3.55
CA ASP A 95 -10.31 -0.40 -2.74
C ASP A 95 -9.01 0.41 -2.72
N ARG A 96 -8.58 0.96 -3.85
CA ARG A 96 -7.38 1.78 -3.86
C ARG A 96 -7.58 3.04 -3.02
N ASN A 97 -8.68 3.77 -3.26
CA ASN A 97 -8.96 4.97 -2.49
C ASN A 97 -9.07 4.64 -1.01
N ASP A 98 -9.75 3.55 -0.65
CA ASP A 98 -9.83 3.10 0.74
C ASP A 98 -8.42 2.84 1.36
N LEU A 99 -7.62 1.97 0.72
CA LEU A 99 -6.28 1.62 1.20
C LEU A 99 -5.40 2.85 1.29
N ILE A 100 -5.44 3.77 0.30
CA ILE A 100 -4.59 4.97 0.34
C ILE A 100 -5.02 5.89 1.46
N THR A 101 -6.35 6.10 1.62
CA THR A 101 -6.89 6.93 2.72
C THR A 101 -6.36 6.41 4.05
N TYR A 102 -6.39 5.09 4.27
CA TYR A 102 -5.86 4.47 5.48
C TYR A 102 -4.39 4.70 5.57
N LEU A 103 -3.66 4.26 4.52
CA LEU A 103 -2.20 4.29 4.47
C LEU A 103 -1.63 5.69 4.73
N LYS A 104 -2.26 6.73 4.17
CA LYS A 104 -1.83 8.13 4.35
C LYS A 104 -1.88 8.56 5.85
N LYS A 105 -2.96 8.17 6.53
CA LYS A 105 -3.17 8.47 7.95
C LYS A 105 -2.28 7.62 8.86
N ALA A 106 -1.98 6.36 8.45
CA ALA A 106 -1.18 5.42 9.24
C ALA A 106 0.35 5.49 9.04
N THR A 107 0.85 6.17 7.97
CA THR A 107 2.30 6.29 7.71
C THR A 107 2.83 7.68 8.15
N GLU A 108 2.29 8.23 9.25
CA GLU A 108 2.71 9.52 9.79
C GLU A 108 2.23 9.65 11.25
#